data_4GOX
#
_entry.id   4GOX
#
_cell.length_a   131.440
_cell.length_b   131.440
_cell.length_c   47.080
_cell.angle_alpha   90.00
_cell.angle_beta   90.00
_cell.angle_gamma   90.00
#
_symmetry.space_group_name_H-M   'P 42 21 2'
#
loop_
_entity.id
_entity.type
_entity.pdbx_description
1 polymer 'Polyketide synthase'
2 non-polymer "ADENOSINE-3'-5'-DIPHOSPHATE"
3 water water
#
_entity_poly.entity_id   1
_entity_poly.type   'polypeptide(L)'
_entity_poly.pdbx_seq_one_letter_code
;SNASQSLSVKTKKQWQKPDHKNPNPIAFILSSPRSGSTLLRVMLAGHPGLYSPPELHLLPFETMGDRHQELGLSHLGEGL
QRALMDLENLTPEASQAKVNQWVKANTPIADIYAYLQRQAEQRLLIDKSPSYGSDRHILDHSEILFDQAKYIHLVRHPYA
VIESFTRLRMDKLLGAEQQNPYALAESIWRTSNRNILDLGRTVGADRYLQVIYEDLVRDPRKVLTNICDFLGVDFDEALL
NPYSGDRLTDGLHQQSMGVGDPNFLQHKTIDPALADKWRSITLPAALQLDTIQLAETFAYDLPQEPQLTPQTQ
;
_entity_poly.pdbx_strand_id   A
#
# COMPACT_ATOMS: atom_id res chain seq x y z
N LYS A 13 -15.21 10.46 13.73
CA LYS A 13 -16.24 9.46 13.43
C LYS A 13 -15.78 8.07 13.91
N GLN A 14 -16.44 7.51 14.95
CA GLN A 14 -16.07 6.22 15.56
C GLN A 14 -16.26 5.02 14.65
N TRP A 15 -15.32 4.06 14.71
CA TRP A 15 -15.40 2.83 13.95
C TRP A 15 -16.33 1.84 14.66
N GLN A 16 -17.18 1.15 13.91
CA GLN A 16 -18.03 0.10 14.45
C GLN A 16 -17.12 -1.07 14.84
N LYS A 17 -17.16 -1.47 16.12
CA LYS A 17 -16.38 -2.58 16.63
C LYS A 17 -17.11 -3.86 16.23
N PRO A 18 -16.50 -4.76 15.41
CA PRO A 18 -17.22 -5.98 15.01
C PRO A 18 -17.51 -6.89 16.20
N ASP A 19 -18.62 -7.67 16.13
CA ASP A 19 -19.03 -8.61 17.19
C ASP A 19 -17.84 -9.47 17.61
N HIS A 20 -17.10 -9.98 16.61
CA HIS A 20 -15.87 -10.74 16.77
C HIS A 20 -14.82 -10.28 15.76
N LYS A 21 -13.60 -9.97 16.25
CA LYS A 21 -12.49 -9.55 15.39
C LYS A 21 -12.07 -10.66 14.44
N ASN A 22 -11.53 -10.28 13.26
CA ASN A 22 -11.09 -11.23 12.26
C ASN A 22 -9.76 -11.85 12.74
N PRO A 23 -9.72 -13.19 12.98
CA PRO A 23 -8.47 -13.81 13.45
C PRO A 23 -7.51 -14.19 12.32
N ASN A 24 -8.00 -14.18 11.07
CA ASN A 24 -7.27 -14.56 9.86
C ASN A 24 -6.18 -13.58 9.47
N PRO A 25 -4.97 -14.07 9.10
CA PRO A 25 -3.89 -13.15 8.71
C PRO A 25 -4.22 -12.30 7.47
N ILE A 26 -3.67 -11.09 7.48
CA ILE A 26 -3.80 -10.09 6.41
C ILE A 26 -2.58 -9.24 6.54
N ALA A 27 -2.13 -8.67 5.43
CA ALA A 27 -1.00 -7.78 5.47
C ALA A 27 -1.31 -6.53 4.68
N PHE A 28 -0.65 -5.42 5.05
CA PHE A 28 -0.80 -4.16 4.36
C PHE A 28 0.57 -3.65 3.94
N ILE A 29 0.62 -2.95 2.79
CA ILE A 29 1.80 -2.22 2.36
C ILE A 29 1.37 -0.80 2.52
N LEU A 30 2.01 -0.11 3.49
CA LEU A 30 1.71 1.25 3.81
C LEU A 30 2.89 2.13 3.49
N SER A 31 2.60 3.26 2.86
CA SER A 31 3.63 4.24 2.55
C SER A 31 2.99 5.56 2.21
N SER A 32 3.85 6.55 2.03
CA SER A 32 3.52 7.83 1.47
C SER A 32 3.37 7.53 -0.06
N PRO A 33 2.66 8.34 -0.87
CA PRO A 33 2.66 8.07 -2.33
C PRO A 33 4.07 8.26 -2.91
N ARG A 34 4.32 7.74 -4.12
CA ARG A 34 5.59 7.88 -4.87
C ARG A 34 6.81 7.25 -4.20
N SER A 35 6.58 6.14 -3.48
CA SER A 35 7.58 5.45 -2.66
C SER A 35 7.95 4.05 -3.11
N GLY A 36 7.51 3.65 -4.30
CA GLY A 36 7.79 2.32 -4.84
C GLY A 36 6.76 1.29 -4.38
N SER A 37 5.60 1.77 -3.93
CA SER A 37 4.56 0.87 -3.42
C SER A 37 3.95 -0.01 -4.52
N THR A 38 3.78 0.53 -5.74
CA THR A 38 3.25 -0.30 -6.89
C THR A 38 4.27 -1.37 -7.25
N LEU A 39 5.57 -1.02 -7.31
CA LEU A 39 6.66 -1.96 -7.58
C LEU A 39 6.67 -3.06 -6.51
N LEU A 40 6.63 -2.68 -5.23
CA LEU A 40 6.62 -3.70 -4.19
C LEU A 40 5.38 -4.63 -4.29
N ARG A 41 4.17 -4.05 -4.46
CA ARG A 41 2.99 -4.90 -4.54
C ARG A 41 2.97 -5.77 -5.78
N VAL A 42 3.54 -5.29 -6.91
CA VAL A 42 3.62 -6.07 -8.14
C VAL A 42 4.67 -7.19 -7.98
N MET A 43 5.76 -6.92 -7.25
CA MET A 43 6.79 -7.92 -6.96
C MET A 43 6.09 -9.03 -6.14
N LEU A 44 5.36 -8.65 -5.05
CA LEU A 44 4.64 -9.59 -4.17
C LEU A 44 3.56 -10.44 -4.86
N ALA A 45 2.89 -9.91 -5.92
CA ALA A 45 1.84 -10.59 -6.69
C ALA A 45 2.33 -11.83 -7.43
N GLY A 46 3.65 -11.87 -7.71
CA GLY A 46 4.26 -13.02 -8.38
C GLY A 46 4.40 -14.22 -7.47
N HIS A 47 4.33 -14.03 -6.14
CA HIS A 47 4.44 -15.15 -5.20
C HIS A 47 3.15 -16.00 -5.19
N PRO A 48 3.23 -17.34 -5.35
CA PRO A 48 2.01 -18.15 -5.35
C PRO A 48 1.25 -18.23 -4.01
N GLY A 49 1.91 -17.90 -2.91
CA GLY A 49 1.31 -17.95 -1.58
C GLY A 49 0.75 -16.64 -1.07
N LEU A 50 0.75 -15.61 -1.93
CA LEU A 50 0.27 -14.27 -1.59
C LEU A 50 -0.70 -13.82 -2.65
N TYR A 51 -1.62 -12.94 -2.26
CA TYR A 51 -2.54 -12.34 -3.21
C TYR A 51 -2.37 -10.82 -3.02
N SER A 52 -1.75 -10.16 -4.02
CA SER A 52 -1.39 -8.74 -4.00
C SER A 52 -2.07 -7.98 -5.14
N PRO A 53 -3.36 -7.64 -5.02
CA PRO A 53 -4.03 -6.98 -6.15
C PRO A 53 -3.77 -5.48 -6.23
N PRO A 54 -4.27 -4.77 -7.29
CA PRO A 54 -4.17 -3.30 -7.28
C PRO A 54 -5.08 -2.73 -6.16
N GLU A 55 -4.82 -1.48 -5.73
CA GLU A 55 -5.50 -0.79 -4.62
C GLU A 55 -6.99 -1.10 -4.42
N LEU A 56 -7.29 -1.87 -3.35
CA LEU A 56 -8.67 -2.19 -2.93
C LEU A 56 -9.39 -0.96 -2.38
N HIS A 57 -8.65 -0.08 -1.65
CA HIS A 57 -9.18 1.15 -1.03
C HIS A 57 -10.44 0.88 -0.21
N LEU A 58 -10.32 -0.03 0.79
CA LEU A 58 -11.42 -0.46 1.66
C LEU A 58 -11.34 0.12 3.10
N LEU A 59 -10.15 0.11 3.71
CA LEU A 59 -9.93 0.55 5.09
C LEU A 59 -10.53 1.89 5.52
N PRO A 60 -10.56 2.99 4.69
CA PRO A 60 -11.13 4.28 5.17
C PRO A 60 -12.63 4.32 5.42
N PHE A 61 -13.35 3.25 5.06
CA PHE A 61 -14.82 3.25 5.09
C PHE A 61 -15.39 2.21 6.01
N GLU A 62 -16.57 2.49 6.53
CA GLU A 62 -17.30 1.63 7.44
C GLU A 62 -18.02 0.53 6.62
N THR A 63 -18.80 0.95 5.62
CA THR A 63 -19.60 0.09 4.74
C THR A 63 -19.34 0.47 3.27
N MET A 64 -19.76 -0.42 2.36
CA MET A 64 -19.67 -0.20 0.91
C MET A 64 -20.52 0.99 0.45
N GLY A 65 -21.49 1.36 1.28
CA GLY A 65 -22.34 2.53 1.05
C GLY A 65 -21.56 3.82 1.25
N ASP A 66 -20.81 3.93 2.37
CA ASP A 66 -19.95 5.10 2.66
C ASP A 66 -18.90 5.22 1.57
N ARG A 67 -18.31 4.07 1.21
CA ARG A 67 -17.27 3.95 0.19
C ARG A 67 -17.81 4.49 -1.12
N HIS A 68 -19.01 4.06 -1.52
CA HIS A 68 -19.63 4.56 -2.73
C HIS A 68 -19.96 6.05 -2.64
N GLN A 69 -20.48 6.53 -1.48
CA GLN A 69 -20.78 7.95 -1.30
C GLN A 69 -19.52 8.80 -1.46
N GLU A 70 -18.42 8.41 -0.78
CA GLU A 70 -17.14 9.12 -0.83
C GLU A 70 -16.45 9.02 -2.20
N LEU A 71 -16.31 7.79 -2.74
CA LEU A 71 -15.63 7.56 -4.01
C LEU A 71 -16.46 7.98 -5.21
N GLY A 72 -17.68 7.45 -5.29
CA GLY A 72 -18.62 7.73 -6.37
C GLY A 72 -18.11 7.34 -7.73
N LEU A 73 -17.95 8.36 -8.60
CA LEU A 73 -17.48 8.28 -9.99
C LEU A 73 -16.01 7.83 -10.13
N SER A 74 -15.13 8.37 -9.25
CA SER A 74 -13.69 8.16 -9.17
C SER A 74 -13.24 6.74 -9.48
N HIS A 75 -12.13 6.63 -10.19
CA HIS A 75 -11.55 5.34 -10.57
C HIS A 75 -10.81 4.67 -9.42
N LEU A 76 -10.50 5.42 -8.33
CA LEU A 76 -9.83 4.92 -7.13
C LEU A 76 -10.73 3.86 -6.50
N GLY A 77 -10.18 2.67 -6.25
CA GLY A 77 -10.95 1.56 -5.70
C GLY A 77 -11.35 0.51 -6.73
N GLU A 78 -11.18 0.81 -8.04
CA GLU A 78 -11.45 -0.11 -9.17
C GLU A 78 -10.62 -1.41 -9.04
N GLY A 79 -9.58 -1.36 -8.21
CA GLY A 79 -8.74 -2.51 -7.91
C GLY A 79 -9.53 -3.63 -7.24
N LEU A 80 -10.64 -3.26 -6.54
CA LEU A 80 -11.54 -4.24 -5.93
C LEU A 80 -12.23 -5.04 -7.07
N GLN A 81 -12.69 -4.33 -8.14
CA GLN A 81 -13.32 -4.98 -9.30
C GLN A 81 -12.31 -5.96 -9.92
N ARG A 82 -11.06 -5.47 -10.18
CA ARG A 82 -9.97 -6.24 -10.77
C ARG A 82 -9.67 -7.48 -9.93
N ALA A 83 -9.62 -7.32 -8.59
CA ALA A 83 -9.41 -8.44 -7.65
C ALA A 83 -10.48 -9.54 -7.84
N LEU A 84 -11.76 -9.15 -7.85
CA LEU A 84 -12.93 -10.03 -8.00
C LEU A 84 -12.92 -10.78 -9.34
N MET A 85 -12.64 -10.04 -10.43
CA MET A 85 -12.49 -10.56 -11.78
C MET A 85 -11.45 -11.70 -11.72
N ASP A 86 -10.20 -11.40 -11.25
CA ASP A 86 -9.12 -12.36 -11.13
C ASP A 86 -9.44 -13.54 -10.19
N LEU A 87 -9.91 -13.27 -8.95
CA LEU A 87 -10.21 -14.35 -8.00
C LEU A 87 -11.36 -15.26 -8.42
N GLU A 88 -12.35 -14.72 -9.15
CA GLU A 88 -13.55 -15.49 -9.49
C GLU A 88 -13.85 -15.75 -10.97
N ASN A 89 -12.93 -15.34 -11.89
CA ASN A 89 -13.04 -15.49 -13.35
C ASN A 89 -14.28 -14.76 -13.89
N LEU A 90 -14.40 -13.49 -13.49
CA LEU A 90 -15.50 -12.58 -13.81
C LEU A 90 -15.15 -11.57 -14.91
N THR A 91 -16.17 -11.07 -15.59
CA THR A 91 -16.09 -10.05 -16.64
C THR A 91 -16.18 -8.66 -15.92
N PRO A 92 -15.86 -7.51 -16.58
CA PRO A 92 -15.97 -6.21 -15.88
C PRO A 92 -17.38 -5.90 -15.37
N GLU A 93 -18.38 -6.22 -16.20
CA GLU A 93 -19.80 -6.00 -15.95
C GLU A 93 -20.25 -6.82 -14.75
N ALA A 94 -19.87 -8.12 -14.70
CA ALA A 94 -20.21 -9.01 -13.60
C ALA A 94 -19.50 -8.58 -12.31
N SER A 95 -18.26 -8.03 -12.43
CA SER A 95 -17.48 -7.55 -11.29
C SER A 95 -18.19 -6.35 -10.68
N GLN A 96 -18.46 -5.32 -11.51
CA GLN A 96 -19.19 -4.10 -11.14
C GLN A 96 -20.54 -4.41 -10.48
N ALA A 97 -21.29 -5.41 -11.01
CA ALA A 97 -22.59 -5.84 -10.48
C ALA A 97 -22.47 -6.43 -9.06
N LYS A 98 -21.36 -7.15 -8.76
CA LYS A 98 -21.08 -7.73 -7.43
C LYS A 98 -20.81 -6.55 -6.46
N VAL A 99 -20.07 -5.50 -6.93
CA VAL A 99 -19.75 -4.28 -6.17
C VAL A 99 -21.06 -3.48 -5.87
N ASN A 100 -21.88 -3.23 -6.93
CA ASN A 100 -23.17 -2.52 -6.88
C ASN A 100 -24.17 -3.15 -5.92
N GLN A 101 -24.10 -4.48 -5.78
CA GLN A 101 -24.94 -5.24 -4.87
C GLN A 101 -24.48 -5.09 -3.42
N TRP A 102 -23.15 -5.03 -3.21
CA TRP A 102 -22.58 -4.82 -1.89
C TRP A 102 -22.93 -3.41 -1.41
N VAL A 103 -22.85 -2.44 -2.36
CA VAL A 103 -23.19 -1.02 -2.16
C VAL A 103 -24.65 -0.89 -1.70
N LYS A 104 -25.58 -1.52 -2.45
CA LYS A 104 -27.02 -1.50 -2.15
C LYS A 104 -27.32 -2.13 -0.80
N ALA A 105 -26.62 -3.23 -0.47
CA ALA A 105 -26.78 -3.95 0.79
C ALA A 105 -26.05 -3.25 1.98
N ASN A 106 -25.30 -2.13 1.70
CA ASN A 106 -24.47 -1.37 2.68
C ASN A 106 -23.57 -2.35 3.42
N THR A 107 -22.92 -3.23 2.65
CA THR A 107 -22.08 -4.30 3.16
C THR A 107 -20.89 -3.78 3.98
N PRO A 108 -20.77 -4.18 5.27
CA PRO A 108 -19.64 -3.74 6.09
C PRO A 108 -18.29 -4.11 5.46
N ILE A 109 -17.32 -3.19 5.55
CA ILE A 109 -15.97 -3.41 5.01
C ILE A 109 -15.31 -4.64 5.66
N ALA A 110 -15.64 -4.90 6.94
CA ALA A 110 -15.17 -6.08 7.69
C ALA A 110 -15.50 -7.35 6.90
N ASP A 111 -16.71 -7.38 6.27
CA ASP A 111 -17.23 -8.48 5.47
C ASP A 111 -16.52 -8.62 4.15
N ILE A 112 -16.13 -7.48 3.49
CA ILE A 112 -15.40 -7.48 2.23
C ILE A 112 -14.00 -8.10 2.41
N TYR A 113 -13.31 -7.75 3.53
CA TYR A 113 -12.01 -8.33 3.85
C TYR A 113 -12.14 -9.85 4.07
N ALA A 114 -13.12 -10.30 4.89
CA ALA A 114 -13.35 -11.73 5.18
C ALA A 114 -13.69 -12.50 3.90
N TYR A 115 -14.42 -11.84 2.97
CA TYR A 115 -14.78 -12.39 1.67
C TYR A 115 -13.52 -12.59 0.83
N LEU A 116 -12.69 -11.55 0.68
CA LEU A 116 -11.49 -11.64 -0.13
C LEU A 116 -10.49 -12.67 0.43
N GLN A 117 -10.39 -12.78 1.78
CA GLN A 117 -9.53 -13.74 2.46
C GLN A 117 -9.95 -15.17 2.14
N ARG A 118 -11.26 -15.38 2.00
CA ARG A 118 -11.89 -16.64 1.65
C ARG A 118 -11.61 -16.96 0.17
N GLN A 119 -11.81 -15.99 -0.75
CA GLN A 119 -11.60 -16.16 -2.19
C GLN A 119 -10.11 -16.31 -2.54
N ALA A 120 -9.20 -15.81 -1.67
CA ALA A 120 -7.75 -15.93 -1.85
C ALA A 120 -7.30 -17.33 -1.44
N GLU A 121 -8.20 -18.08 -0.76
CA GLU A 121 -8.01 -19.47 -0.29
C GLU A 121 -6.89 -19.50 0.76
N GLN A 122 -5.80 -20.22 0.48
CA GLN A 122 -4.65 -20.33 1.37
C GLN A 122 -3.74 -19.08 1.29
N ARG A 123 -3.88 -18.27 0.22
CA ARG A 123 -3.00 -17.13 -0.03
C ARG A 123 -3.20 -15.98 0.93
N LEU A 124 -2.10 -15.33 1.32
CA LEU A 124 -2.14 -14.19 2.21
C LEU A 124 -2.46 -12.94 1.41
N LEU A 125 -3.61 -12.32 1.71
CA LEU A 125 -4.08 -11.11 1.08
C LEU A 125 -3.23 -9.93 1.54
N ILE A 126 -2.79 -9.14 0.58
CA ILE A 126 -1.98 -7.96 0.80
C ILE A 126 -2.79 -6.78 0.28
N ASP A 127 -3.08 -5.81 1.16
CA ASP A 127 -3.76 -4.58 0.79
C ASP A 127 -2.70 -3.48 0.73
N LYS A 128 -2.31 -3.07 -0.49
CA LYS A 128 -1.34 -1.98 -0.62
C LYS A 128 -2.10 -0.68 -0.69
N SER A 129 -1.66 0.31 0.06
CA SER A 129 -2.22 1.65 -0.04
C SER A 129 -1.21 2.76 0.22
N PRO A 130 -1.08 3.72 -0.72
CA PRO A 130 -0.23 4.91 -0.45
C PRO A 130 -1.01 6.07 0.22
N SER A 131 -2.25 5.82 0.65
CA SER A 131 -3.07 6.86 1.25
C SER A 131 -3.62 6.49 2.62
N TYR A 132 -3.74 5.17 3.00
CA TYR A 132 -4.25 4.84 4.35
C TYR A 132 -3.46 5.54 5.46
N GLY A 133 -2.13 5.63 5.32
CA GLY A 133 -1.26 6.27 6.33
C GLY A 133 -1.38 7.77 6.49
N SER A 134 -2.07 8.46 5.55
CA SER A 134 -2.28 9.91 5.63
C SER A 134 -3.20 10.34 6.78
N ASP A 135 -3.92 9.39 7.36
CA ASP A 135 -4.87 9.63 8.44
C ASP A 135 -4.78 8.45 9.41
N ARG A 136 -4.29 8.75 10.59
CA ARG A 136 -4.14 7.84 11.72
C ARG A 136 -5.44 7.11 12.03
N HIS A 137 -6.59 7.81 11.87
CA HIS A 137 -7.91 7.25 12.09
C HIS A 137 -8.19 6.10 11.11
N ILE A 138 -7.74 6.21 9.83
CA ILE A 138 -7.88 5.14 8.83
C ILE A 138 -7.09 3.92 9.33
N LEU A 139 -5.80 4.13 9.71
CA LEU A 139 -4.91 3.09 10.21
C LEU A 139 -5.50 2.41 11.44
N ASP A 140 -6.14 3.21 12.38
CA ASP A 140 -6.81 2.68 13.58
C ASP A 140 -7.88 1.65 13.22
N HIS A 141 -8.51 1.78 12.03
CA HIS A 141 -9.56 0.83 11.61
C HIS A 141 -9.05 -0.62 11.51
N SER A 142 -7.76 -0.79 11.14
CA SER A 142 -7.17 -2.12 10.98
C SER A 142 -7.07 -2.87 12.31
N GLU A 143 -6.56 -2.20 13.36
CA GLU A 143 -6.47 -2.81 14.67
C GLU A 143 -7.84 -3.10 15.27
N ILE A 144 -8.88 -2.35 14.85
CA ILE A 144 -10.27 -2.60 15.25
C ILE A 144 -10.81 -3.87 14.56
N LEU A 145 -10.55 -4.02 13.26
CA LEU A 145 -11.08 -5.15 12.46
C LEU A 145 -10.35 -6.48 12.57
N PHE A 146 -9.02 -6.46 12.76
CA PHE A 146 -8.17 -7.66 12.72
C PHE A 146 -7.37 -7.95 13.97
N ASP A 147 -7.17 -9.24 14.24
CA ASP A 147 -6.37 -9.74 15.36
C ASP A 147 -4.90 -9.81 14.98
N GLN A 148 -4.62 -10.27 13.75
CA GLN A 148 -3.29 -10.57 13.25
C GLN A 148 -2.86 -9.80 12.00
N ALA A 149 -3.23 -8.51 11.86
CA ALA A 149 -2.76 -7.71 10.70
C ALA A 149 -1.25 -7.47 10.80
N LYS A 150 -0.56 -7.59 9.68
CA LYS A 150 0.88 -7.29 9.57
C LYS A 150 1.04 -6.06 8.72
N TYR A 151 1.96 -5.18 9.09
CA TYR A 151 2.18 -3.94 8.36
C TYR A 151 3.59 -3.84 7.79
N ILE A 152 3.69 -3.69 6.46
CA ILE A 152 4.95 -3.44 5.77
C ILE A 152 4.98 -1.91 5.55
N HIS A 153 5.86 -1.21 6.24
CA HIS A 153 6.02 0.23 6.13
C HIS A 153 7.14 0.49 5.11
N LEU A 154 6.76 0.84 3.88
CA LEU A 154 7.74 1.10 2.83
C LEU A 154 8.09 2.58 2.87
N VAL A 155 9.39 2.88 2.98
CA VAL A 155 9.88 4.25 3.12
C VAL A 155 10.82 4.62 1.99
N ARG A 156 10.67 5.85 1.47
CA ARG A 156 11.55 6.43 0.43
C ARG A 156 12.04 7.79 0.91
N HIS A 157 13.20 8.20 0.41
CA HIS A 157 13.87 9.45 0.73
C HIS A 157 12.90 10.62 0.54
N PRO A 158 12.75 11.57 1.52
CA PRO A 158 11.79 12.69 1.34
C PRO A 158 11.99 13.47 0.02
N TYR A 159 13.26 13.75 -0.39
CA TYR A 159 13.62 14.47 -1.62
C TYR A 159 13.09 13.78 -2.85
N ALA A 160 13.23 12.43 -2.92
CA ALA A 160 12.75 11.64 -4.06
C ALA A 160 11.25 11.65 -4.14
N VAL A 161 10.55 11.52 -2.98
CA VAL A 161 9.09 11.57 -2.95
C VAL A 161 8.57 12.95 -3.42
N ILE A 162 9.15 14.04 -2.88
CA ILE A 162 8.80 15.43 -3.17
C ILE A 162 8.93 15.73 -4.65
N GLU A 163 10.10 15.43 -5.24
CA GLU A 163 10.37 15.61 -6.66
C GLU A 163 9.34 14.86 -7.52
N SER A 164 9.09 13.57 -7.23
CA SER A 164 8.14 12.72 -7.96
C SER A 164 6.69 13.22 -7.83
N PHE A 165 6.27 13.59 -6.61
CA PHE A 165 4.93 14.08 -6.31
C PHE A 165 4.66 15.39 -7.06
N THR A 166 5.70 16.24 -7.19
CA THR A 166 5.71 17.52 -7.89
C THR A 166 5.41 17.29 -9.39
N ARG A 167 6.24 16.44 -10.04
CA ARG A 167 6.16 16.07 -11.45
C ARG A 167 4.77 15.56 -11.85
N LEU A 168 4.20 14.65 -11.03
CA LEU A 168 2.91 14.00 -11.25
C LEU A 168 1.67 14.90 -11.08
N ARG A 169 1.87 16.17 -10.64
CA ARG A 169 0.82 17.19 -10.42
C ARG A 169 -0.29 16.69 -9.47
N MET A 170 0.09 15.86 -8.47
CA MET A 170 -0.81 15.25 -7.48
C MET A 170 -1.48 16.23 -6.50
N ASP A 171 -1.03 17.52 -6.50
CA ASP A 171 -1.55 18.60 -5.65
C ASP A 171 -2.97 19.01 -6.06
N ASN A 180 1.36 25.83 -2.17
CA ASN A 180 2.69 25.41 -2.63
C ASN A 180 2.71 23.88 -2.76
N PRO A 181 2.97 23.35 -3.97
CA PRO A 181 2.99 21.88 -4.15
C PRO A 181 4.12 21.17 -3.40
N TYR A 182 5.28 21.83 -3.25
CA TYR A 182 6.45 21.30 -2.54
C TYR A 182 6.19 21.11 -1.05
N ALA A 183 5.49 22.07 -0.40
CA ALA A 183 5.14 22.01 1.01
C ALA A 183 4.11 20.90 1.25
N LEU A 184 3.14 20.77 0.32
CA LEU A 184 2.12 19.73 0.41
C LEU A 184 2.73 18.33 0.26
N ALA A 185 3.65 18.14 -0.69
CA ALA A 185 4.34 16.88 -0.92
C ALA A 185 5.14 16.49 0.34
N GLU A 186 5.91 17.45 0.90
CA GLU A 186 6.68 17.27 2.12
C GLU A 186 5.73 16.89 3.27
N SER A 187 4.64 17.65 3.44
CA SER A 187 3.63 17.40 4.46
C SER A 187 3.05 15.99 4.38
N ILE A 188 2.69 15.54 3.16
CA ILE A 188 2.16 14.21 2.93
C ILE A 188 3.19 13.13 3.28
N TRP A 189 4.46 13.31 2.88
CA TRP A 189 5.50 12.33 3.23
C TRP A 189 5.66 12.25 4.76
N ARG A 190 5.71 13.42 5.39
CA ARG A 190 5.91 13.52 6.82
C ARG A 190 4.71 12.93 7.57
N THR A 191 3.49 13.38 7.25
CA THR A 191 2.26 12.92 7.89
C THR A 191 2.13 11.40 7.83
N SER A 192 2.25 10.83 6.61
CA SER A 192 2.13 9.39 6.38
C SER A 192 3.17 8.62 7.17
N ASN A 193 4.44 8.99 7.00
CA ASN A 193 5.52 8.29 7.64
C ASN A 193 5.45 8.33 9.13
N ARG A 194 5.04 9.48 9.70
CA ARG A 194 4.88 9.57 11.15
C ARG A 194 3.71 8.67 11.64
N ASN A 195 2.55 8.72 10.96
CA ASN A 195 1.38 7.90 11.32
C ASN A 195 1.69 6.41 11.27
N ILE A 196 2.36 5.95 10.21
CA ILE A 196 2.70 4.52 10.04
C ILE A 196 3.71 4.08 11.10
N LEU A 197 4.74 4.91 11.34
CA LEU A 197 5.72 4.70 12.41
C LEU A 197 4.99 4.56 13.77
N ASP A 198 4.07 5.51 14.10
CA ASP A 198 3.29 5.46 15.35
C ASP A 198 2.47 4.17 15.44
N LEU A 199 1.84 3.71 14.32
CA LEU A 199 1.11 2.44 14.30
C LEU A 199 2.07 1.29 14.63
N GLY A 200 3.20 1.24 13.95
CA GLY A 200 4.25 0.25 14.16
C GLY A 200 4.71 0.14 15.60
N ARG A 201 4.81 1.27 16.31
CA ARG A 201 5.19 1.27 17.73
C ARG A 201 4.13 0.62 18.61
N THR A 202 2.83 0.78 18.28
CA THR A 202 1.74 0.19 19.06
C THR A 202 1.67 -1.33 18.90
N VAL A 203 2.01 -1.83 17.71
CA VAL A 203 2.02 -3.28 17.44
C VAL A 203 3.46 -3.81 17.59
N GLY A 204 3.63 -5.11 17.72
CA GLY A 204 5.00 -5.61 17.86
C GLY A 204 5.87 -5.49 16.61
N ALA A 205 7.16 -5.89 16.70
CA ALA A 205 8.05 -5.97 15.55
C ALA A 205 7.60 -7.22 14.78
N ASP A 206 6.85 -8.09 15.48
CA ASP A 206 6.22 -9.29 14.92
C ASP A 206 5.16 -8.90 13.90
N ARG A 207 4.53 -7.70 14.02
CA ARG A 207 3.47 -7.26 13.10
C ARG A 207 3.81 -5.98 12.29
N TYR A 208 5.05 -5.52 12.39
CA TYR A 208 5.49 -4.32 11.69
C TYR A 208 6.91 -4.49 11.16
N LEU A 209 7.13 -4.09 9.91
CA LEU A 209 8.42 -4.13 9.26
C LEU A 209 8.67 -2.90 8.38
N GLN A 210 9.74 -2.16 8.64
CA GLN A 210 10.18 -1.06 7.78
C GLN A 210 10.96 -1.61 6.61
N VAL A 211 10.69 -1.11 5.42
CA VAL A 211 11.39 -1.48 4.21
C VAL A 211 11.84 -0.18 3.56
N ILE A 212 13.13 -0.05 3.33
CA ILE A 212 13.71 1.12 2.69
C ILE A 212 13.74 0.89 1.19
N TYR A 213 12.96 1.69 0.45
CA TYR A 213 12.87 1.64 -1.01
C TYR A 213 14.26 1.56 -1.67
N GLU A 214 15.22 2.40 -1.20
CA GLU A 214 16.60 2.45 -1.71
C GLU A 214 17.27 1.10 -1.54
N ASP A 215 17.04 0.38 -0.41
CA ASP A 215 17.60 -0.96 -0.22
C ASP A 215 16.87 -1.97 -1.15
N LEU A 216 15.54 -1.84 -1.29
CA LEU A 216 14.75 -2.72 -2.13
C LEU A 216 15.24 -2.70 -3.58
N VAL A 217 15.50 -1.53 -4.14
CA VAL A 217 15.91 -1.46 -5.54
C VAL A 217 17.36 -1.82 -5.78
N ARG A 218 18.22 -1.67 -4.76
CA ARG A 218 19.65 -2.01 -4.89
C ARG A 218 19.87 -3.51 -4.68
N ASP A 219 19.15 -4.12 -3.73
CA ASP A 219 19.28 -5.57 -3.50
C ASP A 219 17.90 -6.19 -3.27
N PRO A 220 17.09 -6.35 -4.36
CA PRO A 220 15.72 -6.86 -4.15
C PRO A 220 15.65 -8.25 -3.55
N ARG A 221 16.59 -9.13 -3.91
CA ARG A 221 16.64 -10.48 -3.36
C ARG A 221 16.77 -10.49 -1.84
N LYS A 222 17.71 -9.69 -1.27
CA LYS A 222 17.93 -9.60 0.17
C LYS A 222 16.71 -9.02 0.88
N VAL A 223 16.17 -7.91 0.35
CA VAL A 223 15.03 -7.22 0.95
C VAL A 223 13.75 -8.07 0.88
N LEU A 224 13.42 -8.61 -0.30
CA LEU A 224 12.24 -9.46 -0.47
C LEU A 224 12.33 -10.74 0.36
N THR A 225 13.55 -11.26 0.62
CA THR A 225 13.75 -12.44 1.48
C THR A 225 13.32 -12.07 2.90
N ASN A 226 13.71 -10.87 3.39
CA ASN A 226 13.33 -10.36 4.71
C ASN A 226 11.81 -10.17 4.81
N ILE A 227 11.18 -9.68 3.73
CA ILE A 227 9.73 -9.46 3.67
C ILE A 227 9.02 -10.82 3.76
N CYS A 228 9.52 -11.84 3.00
CA CYS A 228 9.02 -13.21 2.99
C CYS A 228 9.10 -13.84 4.39
N ASP A 229 10.24 -13.63 5.10
CA ASP A 229 10.45 -14.12 6.46
C ASP A 229 9.43 -13.49 7.40
N PHE A 230 9.16 -12.18 7.20
CA PHE A 230 8.19 -11.41 7.99
C PHE A 230 6.77 -11.93 7.78
N LEU A 231 6.37 -12.17 6.52
CA LEU A 231 5.06 -12.68 6.14
C LEU A 231 4.86 -14.19 6.38
N GLY A 232 5.97 -14.91 6.64
CA GLY A 232 5.94 -16.34 6.90
C GLY A 232 5.87 -17.22 5.66
N VAL A 233 6.37 -16.71 4.52
CA VAL A 233 6.41 -17.49 3.28
C VAL A 233 7.87 -17.73 2.85
N ASP A 234 8.11 -18.66 1.93
CA ASP A 234 9.45 -18.89 1.43
C ASP A 234 9.70 -17.92 0.29
N PHE A 235 10.97 -17.58 0.01
CA PHE A 235 11.32 -16.70 -1.10
C PHE A 235 11.03 -17.46 -2.41
N ASP A 236 10.51 -16.75 -3.41
CA ASP A 236 10.20 -17.28 -4.73
C ASP A 236 10.80 -16.32 -5.73
N GLU A 237 11.43 -16.86 -6.78
CA GLU A 237 12.11 -16.12 -7.84
C GLU A 237 11.22 -15.14 -8.59
N ALA A 238 9.91 -15.45 -8.72
CA ALA A 238 8.92 -14.61 -9.39
C ALA A 238 8.86 -13.21 -8.79
N LEU A 239 9.24 -13.08 -7.49
CA LEU A 239 9.28 -11.79 -6.79
C LEU A 239 10.22 -10.82 -7.49
N LEU A 240 11.27 -11.35 -8.14
CA LEU A 240 12.27 -10.54 -8.82
C LEU A 240 11.91 -10.18 -10.26
N ASN A 241 10.76 -10.66 -10.76
CA ASN A 241 10.37 -10.41 -12.15
C ASN A 241 8.98 -9.76 -12.23
N PRO A 242 8.84 -8.51 -11.74
CA PRO A 242 7.51 -7.87 -11.73
C PRO A 242 6.91 -7.61 -13.09
N TYR A 243 7.77 -7.53 -14.13
CA TYR A 243 7.31 -7.29 -15.50
C TYR A 243 6.94 -8.55 -16.30
N SER A 244 6.93 -9.74 -15.65
CA SER A 244 6.56 -11.00 -16.29
C SER A 244 5.20 -11.56 -15.81
N GLY A 245 4.43 -12.16 -16.73
CA GLY A 245 3.11 -12.74 -16.46
C GLY A 245 2.05 -11.73 -16.08
N ASP A 246 0.86 -12.22 -15.66
CA ASP A 246 -0.25 -11.36 -15.25
C ASP A 246 -0.20 -11.07 -13.75
N ARG A 247 0.10 -9.81 -13.40
CA ARG A 247 0.21 -9.31 -12.02
C ARG A 247 -0.88 -8.26 -11.73
N LEU A 248 -1.92 -8.21 -12.61
CA LEU A 248 -3.06 -7.28 -12.53
C LEU A 248 -2.54 -5.83 -12.57
N THR A 249 -1.94 -5.46 -13.73
CA THR A 249 -1.33 -4.16 -14.02
C THR A 249 -2.02 -3.50 -15.22
N ASP A 250 -2.78 -4.28 -16.00
CA ASP A 250 -3.53 -3.91 -17.21
C ASP A 250 -4.55 -2.77 -17.01
N VAL A 259 -5.63 1.45 -9.59
CA VAL A 259 -4.75 2.56 -9.92
C VAL A 259 -3.28 2.21 -9.72
N GLY A 260 -2.64 2.92 -8.81
CA GLY A 260 -1.22 2.74 -8.56
C GLY A 260 -0.40 3.74 -9.35
N ASP A 261 0.88 3.41 -9.62
CA ASP A 261 1.80 4.28 -10.33
C ASP A 261 1.46 4.29 -11.82
N PRO A 262 1.13 5.48 -12.41
CA PRO A 262 0.77 5.51 -13.85
C PRO A 262 1.95 5.22 -14.79
N ASN A 263 3.20 5.48 -14.32
CA ASN A 263 4.42 5.27 -15.10
C ASN A 263 5.03 3.86 -14.88
N PHE A 264 4.35 2.97 -14.10
CA PHE A 264 4.90 1.65 -13.77
C PHE A 264 5.39 0.81 -14.93
N LEU A 265 4.60 0.72 -16.02
CA LEU A 265 4.95 -0.05 -17.20
C LEU A 265 5.97 0.64 -18.12
N GLN A 266 6.47 1.83 -17.73
CA GLN A 266 7.51 2.52 -18.49
C GLN A 266 8.91 1.96 -18.18
N HIS A 267 9.01 1.00 -17.24
CA HIS A 267 10.28 0.38 -16.86
C HIS A 267 10.37 -1.05 -17.35
N LYS A 268 11.61 -1.53 -17.51
CA LYS A 268 11.91 -2.87 -17.98
C LYS A 268 12.36 -3.77 -16.83
N THR A 269 12.98 -3.17 -15.81
CA THR A 269 13.50 -3.92 -14.66
C THR A 269 13.33 -3.16 -13.34
N ILE A 270 13.75 -3.81 -12.23
CA ILE A 270 13.85 -3.22 -10.89
C ILE A 270 15.05 -2.30 -11.10
N ASP A 271 14.76 -1.01 -11.35
CA ASP A 271 15.76 -0.02 -11.70
C ASP A 271 16.49 0.57 -10.49
N PRO A 272 17.78 0.21 -10.25
CA PRO A 272 18.51 0.80 -9.11
C PRO A 272 18.85 2.29 -9.26
N ALA A 273 18.78 2.84 -10.49
CA ALA A 273 19.06 4.25 -10.74
C ALA A 273 17.97 5.17 -10.14
N LEU A 274 16.71 4.69 -10.06
CA LEU A 274 15.60 5.48 -9.50
C LEU A 274 15.76 5.77 -8.01
N ALA A 275 16.56 4.96 -7.28
CA ALA A 275 16.88 5.17 -5.86
C ALA A 275 17.69 6.46 -5.71
N ASP A 276 18.71 6.66 -6.57
CA ASP A 276 19.61 7.82 -6.54
C ASP A 276 19.07 9.12 -7.14
N LYS A 277 17.73 9.22 -7.32
CA LYS A 277 17.04 10.42 -7.82
C LYS A 277 17.21 11.61 -6.83
N TRP A 278 17.08 11.32 -5.50
CA TRP A 278 17.23 12.30 -4.40
C TRP A 278 18.55 13.06 -4.40
N ARG A 279 19.55 12.57 -5.18
CA ARG A 279 20.91 13.11 -5.30
C ARG A 279 21.02 14.26 -6.29
N SER A 280 20.28 14.17 -7.42
CA SER A 280 20.29 15.20 -8.45
C SER A 280 19.19 16.26 -8.23
N ILE A 281 18.60 16.30 -7.03
CA ILE A 281 17.56 17.27 -6.74
C ILE A 281 17.85 18.33 -5.65
N THR A 282 17.41 19.55 -5.95
CA THR A 282 17.49 20.72 -5.09
C THR A 282 16.06 21.28 -5.04
N LEU A 283 15.42 21.21 -3.86
CA LEU A 283 14.05 21.69 -3.63
C LEU A 283 14.08 23.22 -3.48
N PRO A 284 12.98 23.95 -3.77
CA PRO A 284 13.01 25.44 -3.68
C PRO A 284 13.35 26.03 -2.32
N ALA A 285 13.17 25.25 -1.23
CA ALA A 285 13.48 25.65 0.15
C ALA A 285 13.84 24.40 0.98
N ALA A 286 14.46 24.63 2.15
CA ALA A 286 14.86 23.58 3.09
C ALA A 286 13.63 22.85 3.66
N LEU A 287 13.82 21.60 4.05
CA LEU A 287 12.77 20.77 4.67
C LEU A 287 12.44 21.32 6.05
N GLN A 288 11.24 21.02 6.58
CA GLN A 288 10.91 21.52 7.92
C GLN A 288 11.71 20.72 8.97
N LEU A 289 11.85 21.29 10.16
CA LEU A 289 12.61 20.65 11.25
C LEU A 289 12.12 19.24 11.61
N ASP A 290 10.79 19.00 11.72
CA ASP A 290 10.32 17.64 11.99
C ASP A 290 10.43 16.71 10.80
N THR A 291 10.45 17.27 9.57
CA THR A 291 10.65 16.40 8.39
C THR A 291 12.08 15.85 8.45
N ILE A 292 13.03 16.68 8.87
CA ILE A 292 14.44 16.29 9.02
C ILE A 292 14.58 15.22 10.10
N GLN A 293 14.00 15.45 11.31
CA GLN A 293 14.05 14.50 12.42
C GLN A 293 13.48 13.12 11.97
N LEU A 294 12.35 13.12 11.27
CA LEU A 294 11.73 11.89 10.80
C LEU A 294 12.61 11.14 9.77
N ALA A 295 13.21 11.89 8.83
CA ALA A 295 14.11 11.34 7.81
C ALA A 295 15.37 10.72 8.47
N GLU A 296 15.87 11.35 9.54
CA GLU A 296 17.02 10.85 10.31
C GLU A 296 16.65 9.53 10.99
N THR A 297 15.39 9.36 11.42
CA THR A 297 14.90 8.12 12.05
C THR A 297 15.08 6.94 11.06
N PHE A 298 14.98 7.22 9.75
CA PHE A 298 15.15 6.20 8.70
C PHE A 298 16.54 6.15 8.13
N ALA A 299 17.51 6.81 8.79
CA ALA A 299 18.93 6.87 8.40
C ALA A 299 19.22 7.59 7.06
N TYR A 300 18.31 8.45 6.57
CA TYR A 300 18.55 9.22 5.34
C TYR A 300 19.48 10.40 5.58
N ASP A 301 20.25 10.77 4.55
CA ASP A 301 21.20 11.90 4.52
C ASP A 301 20.55 13.09 3.79
N LEU A 302 20.62 14.29 4.41
CA LEU A 302 20.00 15.52 3.87
C LEU A 302 21.00 16.67 3.68
N PRO A 303 21.45 16.94 2.41
CA PRO A 303 22.42 18.04 2.19
C PRO A 303 21.80 19.43 2.16
#